data_3AMU
#
_entry.id   3AMU
#
_cell.length_a   130.789
_cell.length_b   130.789
_cell.length_c   87.087
_cell.angle_alpha   90.00
_cell.angle_beta   90.00
_cell.angle_gamma   120.00
#
_symmetry.space_group_name_H-M   'P 32 2 1'
#
loop_
_entity.id
_entity.type
_entity.pdbx_description
1 polymer 'Putative uncharacterized protein'
2 polymer 'RNA (78-MER)'
3 non-polymer 'DIPHOSPHOMETHYLPHOSPHONIC ACID ADENOSYL ESTER'
4 non-polymer AGMATINE
#
loop_
_entity_poly.entity_id
_entity_poly.type
_entity_poly.pdbx_seq_one_letter_code
_entity_poly.pdbx_strand_id
1 'polypeptide(L)'
;MGSSHHHHHHSSGLVPRGSHMRVWVGIDDTDSSRGMC(TPO)TYLAVLAMERVERELGKVIGFPRLIRLNPTIPYKTRGN
GAVSFLVEVDDVGELVDVVNEVIIEHAMLDDEKTNPGAVFVDEELAVKLKPFADKAIKDVLQIDEALFVIGKYFIPHLRH
KKGRGLIGALAAVGAELEDFTLELIAYRYPERFGTEREYDEESFFDMDYELYPQTFDNVDWCNDVVVCIPNTPCPVLYGI
RGESVEALYKAMESVKTEPVDRRMIFVTNHATDMHLIGEEEVHRLENYRSYRLRGRVTLEPYDIEGGHVFFEIDTKFGSV
KCAAFEPTKQFRNVIRLLRKGDVVEVYGSMKKDTINLEKIQIVELAEIWVEKNPICPSCGRRMESAGRGQGFRCKKCRTK
ADEKLREKVERELQPGFYEVPPSARRHLSKPLIRMNVEGRHIFR
;
A
2 'polyribonucleotide' GGGCCCGUAGCUUAGCCAGGUCAGAGCGCCCGGCUCAUAACCGGGCGGUCGAGGGUUCGAAUCCCUCCGGGCCCACCA B
#
loop_
_chem_comp.id
_chem_comp.type
_chem_comp.name
_chem_comp.formula
A RNA linking ADENOSINE-5'-MONOPHOSPHATE 'C10 H14 N5 O7 P'
AG2 non-polymer AGMATINE 'C5 H14 N4'
APC non-polymer 'DIPHOSPHOMETHYLPHOSPHONIC ACID ADENOSYL ESTER' 'C11 H18 N5 O12 P3'
C RNA linking CYTIDINE-5'-MONOPHOSPHATE 'C9 H14 N3 O8 P'
G RNA linking GUANOSINE-5'-MONOPHOSPHATE 'C10 H14 N5 O8 P'
U RNA linking URIDINE-5'-MONOPHOSPHATE 'C9 H13 N2 O9 P'
#
# COMPACT_ATOMS: atom_id res chain seq x y z
N HIS A 20 -22.53 14.13 -27.37
CA HIS A 20 -21.96 13.84 -26.02
C HIS A 20 -21.44 12.39 -25.89
N MET A 21 -20.39 12.24 -25.09
CA MET A 21 -19.78 10.93 -24.87
C MET A 21 -19.15 10.81 -23.49
N ARG A 22 -19.23 9.60 -22.93
CA ARG A 22 -18.68 9.30 -21.62
C ARG A 22 -17.32 8.66 -21.85
N VAL A 23 -16.28 9.15 -21.19
CA VAL A 23 -14.97 8.58 -21.42
C VAL A 23 -14.02 8.62 -20.21
N TRP A 24 -13.39 7.48 -19.93
CA TRP A 24 -12.47 7.34 -18.81
C TRP A 24 -11.05 7.76 -19.15
N VAL A 25 -10.57 8.82 -18.52
CA VAL A 25 -9.21 9.29 -18.77
C VAL A 25 -8.32 8.61 -17.75
N GLY A 26 -7.11 8.23 -18.18
CA GLY A 26 -6.18 7.55 -17.30
C GLY A 26 -4.75 8.00 -17.46
N ILE A 27 -4.11 8.41 -16.36
CA ILE A 27 -2.73 8.90 -16.41
C ILE A 27 -1.73 8.29 -15.42
N ASP A 28 -0.48 8.10 -15.86
CA ASP A 28 0.58 7.60 -14.96
C ASP A 28 2.01 7.98 -15.37
N ASP A 29 2.92 7.81 -14.41
CA ASP A 29 4.34 8.13 -14.54
C ASP A 29 4.48 9.45 -15.24
N THR A 30 4.48 10.52 -14.44
CA THR A 30 4.60 11.87 -15.00
C THR A 30 5.44 12.81 -14.14
N ASP A 31 5.66 12.42 -12.88
CA ASP A 31 6.43 13.22 -11.96
C ASP A 31 7.91 12.87 -11.98
N SER A 32 8.64 13.48 -11.05
CA SER A 32 10.07 13.24 -10.98
C SER A 32 10.57 13.16 -9.56
N SER A 33 11.86 12.84 -9.48
CA SER A 33 12.59 12.73 -8.24
C SER A 33 12.75 14.16 -7.68
N ARG A 34 11.89 15.07 -8.17
CA ARG A 34 11.91 16.48 -7.75
C ARG A 34 10.80 17.24 -8.47
N GLY A 35 9.95 16.49 -9.19
CA GLY A 35 8.86 17.08 -9.94
C GLY A 35 7.51 17.17 -9.24
N MET A 36 6.51 16.49 -9.81
CA MET A 36 5.14 16.51 -9.27
C MET A 36 4.60 15.28 -8.53
N CYS A 37 3.28 15.31 -8.33
CA CYS A 37 2.53 14.22 -7.75
C CYS A 37 1.67 14.02 -9.00
N TPO A 38 1.72 12.84 -9.61
CA TPO A 38 0.93 12.63 -10.82
CB TPO A 38 1.05 11.18 -11.32
CG2 TPO A 38 0.13 10.92 -12.51
OG1 TPO A 38 2.41 10.85 -11.61
P TPO A 38 3.11 9.66 -10.78
O1P TPO A 38 3.03 9.84 -9.31
O2P TPO A 38 2.37 8.30 -11.23
O3P TPO A 38 4.63 9.55 -11.31
C TPO A 38 -0.55 12.98 -10.55
O TPO A 38 -1.27 13.37 -11.48
N THR A 39 -1.00 12.87 -9.31
CA THR A 39 -2.40 13.20 -9.00
C THR A 39 -2.72 14.67 -9.25
N TYR A 40 -1.74 15.54 -9.05
CA TYR A 40 -1.92 16.99 -9.25
C TYR A 40 -2.24 17.27 -10.73
N LEU A 41 -1.40 16.74 -11.62
CA LEU A 41 -1.59 16.95 -13.05
C LEU A 41 -2.98 16.49 -13.48
N ALA A 42 -3.43 15.37 -12.93
CA ALA A 42 -4.74 14.83 -13.26
C ALA A 42 -5.84 15.78 -12.81
N VAL A 43 -5.50 16.64 -11.85
CA VAL A 43 -6.44 17.63 -11.33
C VAL A 43 -6.40 18.87 -12.22
N LEU A 44 -5.20 19.24 -12.65
CA LEU A 44 -5.04 20.38 -13.53
C LEU A 44 -5.70 20.03 -14.86
N ALA A 45 -5.63 18.75 -15.20
CA ALA A 45 -6.24 18.29 -16.43
C ALA A 45 -7.74 18.32 -16.22
N MET A 46 -8.16 18.02 -15.00
CA MET A 46 -9.59 18.03 -14.70
C MET A 46 -10.12 19.45 -14.76
N GLU A 47 -9.38 20.38 -14.14
CA GLU A 47 -9.79 21.78 -14.11
C GLU A 47 -10.16 22.24 -15.51
N ARG A 48 -9.20 22.16 -16.44
CA ARG A 48 -9.42 22.56 -17.82
C ARG A 48 -10.57 21.85 -18.48
N VAL A 49 -10.64 20.53 -18.31
CA VAL A 49 -11.72 19.78 -18.91
C VAL A 49 -13.09 20.26 -18.40
N GLU A 50 -13.15 20.58 -17.11
CA GLU A 50 -14.38 21.02 -16.48
C GLU A 50 -14.87 22.37 -16.96
N ARG A 51 -13.96 23.19 -17.46
CA ARG A 51 -14.32 24.52 -17.92
C ARG A 51 -14.11 24.75 -19.41
N GLU A 52 -13.67 23.73 -20.14
CA GLU A 52 -13.40 23.89 -21.57
C GLU A 52 -13.95 22.79 -22.48
N LEU A 53 -14.49 21.73 -21.91
CA LEU A 53 -15.01 20.64 -22.73
C LEU A 53 -16.27 19.95 -22.24
N GLY A 54 -16.42 19.82 -20.93
CA GLY A 54 -17.60 19.15 -20.39
C GLY A 54 -17.75 19.14 -18.86
N LYS A 55 -18.06 17.98 -18.28
CA LYS A 55 -18.22 17.86 -16.83
C LYS A 55 -17.64 16.55 -16.30
N VAL A 56 -16.69 16.65 -15.37
CA VAL A 56 -16.08 15.46 -14.77
C VAL A 56 -17.01 14.82 -13.73
N ILE A 57 -17.40 13.58 -13.99
CA ILE A 57 -18.33 12.81 -13.14
C ILE A 57 -17.81 12.10 -11.90
N GLY A 58 -18.32 12.45 -10.73
CA GLY A 58 -17.89 11.78 -9.52
C GLY A 58 -16.47 12.11 -9.11
N PHE A 59 -15.86 11.25 -8.29
CA PHE A 59 -14.50 11.49 -7.84
C PHE A 59 -13.52 10.78 -8.72
N PRO A 60 -12.35 11.39 -8.95
CA PRO A 60 -11.33 10.76 -9.78
C PRO A 60 -10.84 9.59 -8.92
N ARG A 61 -10.16 8.63 -9.53
CA ARG A 61 -9.68 7.51 -8.77
C ARG A 61 -8.17 7.49 -8.77
N LEU A 62 -7.60 7.08 -7.65
CA LEU A 62 -6.15 6.94 -7.48
C LEU A 62 -6.06 5.46 -7.21
N ILE A 63 -5.62 4.71 -8.21
CA ILE A 63 -5.48 3.28 -8.08
C ILE A 63 -4.00 2.97 -7.92
N ARG A 64 -3.67 2.21 -6.89
CA ARG A 64 -2.29 1.83 -6.62
C ARG A 64 -2.00 0.53 -7.31
N LEU A 65 -0.94 0.48 -8.10
CA LEU A 65 -0.59 -0.76 -8.78
C LEU A 65 0.41 -1.58 -7.97
N ASN A 66 0.92 -2.64 -8.57
CA ASN A 66 1.86 -3.50 -7.89
C ASN A 66 2.89 -2.65 -7.17
N PRO A 67 3.07 -2.89 -5.86
CA PRO A 67 4.01 -2.15 -5.02
C PRO A 67 5.41 -2.66 -4.92
N THR A 68 5.79 -3.67 -5.70
CA THR A 68 7.17 -4.16 -5.63
C THR A 68 7.87 -3.90 -6.95
N ILE A 69 7.14 -3.27 -7.87
CA ILE A 69 7.63 -2.93 -9.21
C ILE A 69 8.98 -2.23 -9.25
N PRO A 70 9.87 -2.67 -10.16
CA PRO A 70 11.24 -2.14 -10.38
C PRO A 70 11.25 -0.79 -11.15
N ASN A 76 3.89 3.61 -6.17
CA ASN A 76 3.51 3.47 -7.57
C ASN A 76 2.03 3.62 -7.74
N GLY A 77 1.60 4.81 -8.11
CA GLY A 77 0.18 5.00 -8.32
C GLY A 77 -0.11 5.52 -9.72
N ALA A 78 -1.37 5.42 -10.12
CA ALA A 78 -1.82 5.89 -11.43
C ALA A 78 -3.09 6.63 -11.10
N VAL A 79 -3.57 7.45 -12.04
CA VAL A 79 -4.80 8.22 -11.81
C VAL A 79 -5.76 8.04 -12.95
N SER A 80 -7.04 8.22 -12.68
CA SER A 80 -8.05 8.12 -13.72
C SER A 80 -9.27 8.94 -13.32
N PHE A 81 -9.98 9.45 -14.32
CA PHE A 81 -11.18 10.21 -14.01
C PHE A 81 -12.20 10.15 -15.17
N LEU A 82 -13.44 9.86 -14.81
CA LEU A 82 -14.50 9.73 -15.80
C LEU A 82 -15.10 11.09 -16.14
N VAL A 83 -14.99 11.46 -17.42
CA VAL A 83 -15.50 12.73 -17.94
C VAL A 83 -16.67 12.49 -18.89
N GLU A 84 -17.14 13.56 -19.53
CA GLU A 84 -18.28 13.51 -20.44
C GLU A 84 -18.23 14.71 -21.39
N VAL A 85 -17.36 14.62 -22.39
CA VAL A 85 -17.23 15.70 -23.34
C VAL A 85 -18.06 15.47 -24.54
N ASP A 86 -18.13 16.53 -25.35
CA ASP A 86 -18.89 16.49 -26.56
C ASP A 86 -17.99 15.95 -27.64
N ASP A 87 -16.71 16.30 -27.58
CA ASP A 87 -15.78 15.80 -28.57
C ASP A 87 -14.43 15.26 -28.06
N VAL A 88 -14.32 13.94 -28.03
CA VAL A 88 -13.11 13.25 -27.58
C VAL A 88 -11.85 13.71 -28.28
N GLY A 89 -12.01 14.24 -29.49
CA GLY A 89 -10.85 14.70 -30.21
C GLY A 89 -10.17 15.74 -29.36
N GLU A 90 -10.88 16.85 -29.12
CA GLU A 90 -10.36 17.96 -28.33
C GLU A 90 -9.92 17.47 -26.95
N LEU A 91 -10.74 16.62 -26.34
CA LEU A 91 -10.43 16.06 -25.03
C LEU A 91 -9.00 15.58 -24.93
N VAL A 92 -8.59 14.74 -25.88
CA VAL A 92 -7.23 14.23 -25.86
C VAL A 92 -6.29 15.42 -25.85
N ASP A 93 -6.35 16.22 -26.92
CA ASP A 93 -5.50 17.41 -27.07
C ASP A 93 -5.26 18.16 -25.75
N VAL A 94 -6.37 18.51 -25.09
CA VAL A 94 -6.33 19.24 -23.81
C VAL A 94 -5.48 18.51 -22.77
N VAL A 95 -5.80 17.25 -22.51
CA VAL A 95 -5.06 16.49 -21.53
C VAL A 95 -3.64 16.23 -22.00
N ASN A 96 -3.39 16.42 -23.29
CA ASN A 96 -2.04 16.22 -23.80
C ASN A 96 -1.20 17.43 -23.42
N GLU A 97 -1.85 18.58 -23.44
CA GLU A 97 -1.21 19.85 -23.09
C GLU A 97 -0.63 19.76 -21.70
N VAL A 98 -1.53 19.69 -20.72
CA VAL A 98 -1.16 19.61 -19.31
C VAL A 98 0.05 18.69 -19.17
N ILE A 99 0.04 17.63 -19.97
CA ILE A 99 1.10 16.63 -19.97
C ILE A 99 2.36 17.12 -20.70
N ILE A 100 2.23 18.21 -21.45
CA ILE A 100 3.37 18.78 -22.15
C ILE A 100 3.83 20.09 -21.50
N GLU A 101 3.27 20.40 -20.33
CA GLU A 101 3.66 21.61 -19.63
C GLU A 101 3.94 21.38 -18.15
N HIS A 102 3.02 20.69 -17.49
CA HIS A 102 3.15 20.41 -16.05
C HIS A 102 3.73 19.03 -15.76
N ALA A 103 4.41 18.44 -16.74
CA ALA A 103 5.01 17.11 -16.60
C ALA A 103 6.50 17.09 -16.86
N MET A 104 7.24 16.57 -15.90
CA MET A 104 8.69 16.50 -15.93
C MET A 104 9.29 15.59 -17.03
N LEU A 105 9.06 15.92 -18.31
CA LEU A 105 9.59 15.09 -19.40
C LEU A 105 11.10 15.11 -19.55
N ASP A 106 11.76 15.95 -18.77
CA ASP A 106 13.20 16.05 -18.82
C ASP A 106 13.78 14.75 -18.30
N ASP A 107 13.60 14.54 -17.00
CA ASP A 107 14.09 13.34 -16.34
C ASP A 107 13.81 12.11 -17.21
N GLU A 108 14.63 11.09 -17.04
CA GLU A 108 14.50 9.87 -17.82
C GLU A 108 13.70 8.78 -17.09
N LYS A 109 13.33 9.04 -15.84
CA LYS A 109 12.54 8.09 -15.06
C LYS A 109 11.05 8.41 -15.26
N THR A 110 10.79 9.40 -16.10
CA THR A 110 9.43 9.85 -16.39
C THR A 110 9.01 9.72 -17.84
N ASN A 111 8.17 8.72 -18.10
CA ASN A 111 7.65 8.44 -19.44
C ASN A 111 6.14 8.36 -19.33
N PRO A 112 5.47 9.51 -19.41
CA PRO A 112 4.01 9.65 -19.32
C PRO A 112 3.21 8.89 -20.37
N GLY A 113 1.93 8.67 -20.08
CA GLY A 113 1.05 7.95 -20.99
C GLY A 113 -0.37 8.29 -20.62
N ALA A 114 -1.28 8.31 -21.60
CA ALA A 114 -2.66 8.66 -21.35
C ALA A 114 -3.60 7.83 -22.16
N VAL A 115 -4.71 7.45 -21.56
CA VAL A 115 -5.71 6.65 -22.26
C VAL A 115 -7.08 7.27 -22.08
N PHE A 116 -7.94 7.06 -23.06
CA PHE A 116 -9.32 7.54 -23.04
C PHE A 116 -10.16 6.36 -23.51
N VAL A 117 -10.74 5.63 -22.54
CA VAL A 117 -11.56 4.48 -22.87
C VAL A 117 -13.05 4.87 -22.81
N ASP A 118 -13.84 4.46 -23.80
CA ASP A 118 -15.26 4.78 -23.81
C ASP A 118 -15.85 4.12 -22.58
N GLU A 119 -16.75 4.82 -21.90
CA GLU A 119 -17.37 4.29 -20.69
C GLU A 119 -17.59 2.75 -20.77
N GLU A 120 -18.37 2.31 -21.75
CA GLU A 120 -18.68 0.88 -21.92
C GLU A 120 -17.43 0.02 -21.75
N LEU A 121 -16.46 0.31 -22.61
CA LEU A 121 -15.18 -0.39 -22.68
C LEU A 121 -14.32 -0.39 -21.42
N ALA A 122 -14.86 0.04 -20.30
CA ALA A 122 -14.06 0.08 -19.08
C ALA A 122 -13.86 -1.30 -18.53
N VAL A 123 -14.94 -1.82 -17.96
CA VAL A 123 -14.95 -3.15 -17.38
C VAL A 123 -14.09 -4.15 -18.14
N LYS A 124 -14.17 -4.12 -19.47
CA LYS A 124 -13.38 -5.05 -20.29
C LYS A 124 -11.86 -4.93 -20.07
N LEU A 125 -11.47 -4.14 -19.07
CA LEU A 125 -10.08 -3.95 -18.74
C LEU A 125 -9.73 -4.42 -17.33
N LYS A 126 -10.75 -4.67 -16.52
CA LYS A 126 -10.56 -5.14 -15.14
C LYS A 126 -9.49 -6.20 -15.02
N PRO A 127 -9.44 -7.14 -15.99
CA PRO A 127 -8.41 -8.17 -15.91
C PRO A 127 -7.02 -7.56 -16.03
N PHE A 128 -6.80 -6.82 -17.12
CA PHE A 128 -5.51 -6.20 -17.35
C PHE A 128 -5.04 -5.41 -16.16
N ALA A 129 -5.99 -4.73 -15.50
CA ALA A 129 -5.66 -3.93 -14.32
C ALA A 129 -5.33 -4.86 -13.15
N ASP A 130 -6.11 -5.92 -13.02
CA ASP A 130 -5.89 -6.86 -11.94
C ASP A 130 -4.47 -7.39 -12.09
N LYS A 131 -4.08 -7.66 -13.33
CA LYS A 131 -2.76 -8.19 -13.63
C LYS A 131 -1.63 -7.22 -13.36
N ALA A 132 -1.92 -5.93 -13.37
CA ALA A 132 -0.89 -4.93 -13.13
C ALA A 132 -0.83 -4.47 -11.67
N ILE A 133 -1.62 -5.10 -10.83
CA ILE A 133 -1.62 -4.75 -9.43
C ILE A 133 -0.97 -5.88 -8.65
N LYS A 134 -1.22 -7.11 -9.12
CA LYS A 134 -0.71 -8.33 -8.50
C LYS A 134 0.47 -9.01 -9.20
N ASP A 135 0.87 -8.49 -10.35
CA ASP A 135 1.96 -9.14 -11.08
C ASP A 135 2.84 -8.12 -11.81
N VAL A 136 3.53 -8.55 -12.87
CA VAL A 136 4.39 -7.65 -13.62
C VAL A 136 4.24 -7.86 -15.11
N LEU A 137 3.82 -6.80 -15.80
CA LEU A 137 3.56 -6.80 -17.24
C LEU A 137 4.54 -5.89 -17.97
N GLN A 138 4.66 -6.08 -19.28
CA GLN A 138 5.53 -5.24 -20.08
C GLN A 138 4.71 -4.32 -20.98
N ILE A 139 5.33 -3.26 -21.46
CA ILE A 139 4.60 -2.31 -22.26
C ILE A 139 3.73 -2.92 -23.35
N ASP A 140 4.22 -3.98 -23.99
CA ASP A 140 3.45 -4.63 -25.05
C ASP A 140 2.04 -5.04 -24.65
N GLU A 141 1.93 -5.79 -23.56
CA GLU A 141 0.65 -6.26 -23.05
C GLU A 141 -0.37 -5.15 -22.95
N ALA A 142 0.12 -3.92 -22.87
CA ALA A 142 -0.75 -2.75 -22.76
C ALA A 142 -1.06 -2.23 -24.15
N LEU A 143 -0.07 -2.29 -25.03
CA LEU A 143 -0.30 -1.84 -26.39
C LEU A 143 -1.27 -2.82 -27.01
N PHE A 144 -1.03 -4.10 -26.78
CA PHE A 144 -1.89 -5.16 -27.30
C PHE A 144 -3.36 -4.89 -26.97
N VAL A 145 -3.60 -4.28 -25.81
CA VAL A 145 -4.96 -3.96 -25.34
C VAL A 145 -5.51 -2.76 -26.07
N ILE A 146 -4.71 -1.69 -26.09
CA ILE A 146 -5.13 -0.48 -26.77
C ILE A 146 -5.52 -0.87 -28.19
N GLY A 147 -4.78 -1.82 -28.77
CA GLY A 147 -5.07 -2.25 -30.11
C GLY A 147 -6.35 -3.07 -30.25
N LYS A 148 -6.55 -4.00 -29.33
CA LYS A 148 -7.73 -4.84 -29.39
C LYS A 148 -9.01 -4.00 -29.42
N TYR A 149 -8.99 -2.85 -28.76
CA TYR A 149 -10.17 -1.97 -28.75
C TYR A 149 -9.91 -0.61 -29.41
N PHE A 150 -8.81 -0.49 -30.13
CA PHE A 150 -8.48 0.78 -30.79
C PHE A 150 -8.82 1.93 -29.84
N ILE A 151 -8.09 2.02 -28.73
CA ILE A 151 -8.34 3.06 -27.74
C ILE A 151 -7.48 4.30 -27.88
N PRO A 152 -8.11 5.47 -28.08
CA PRO A 152 -7.38 6.74 -28.24
C PRO A 152 -6.34 6.85 -27.12
N HIS A 153 -5.11 7.16 -27.45
CA HIS A 153 -4.12 7.20 -26.37
C HIS A 153 -2.94 8.12 -26.60
N LEU A 154 -2.20 8.39 -25.52
CA LEU A 154 -1.02 9.23 -25.59
C LEU A 154 0.22 8.56 -25.02
N ARG A 155 1.21 8.36 -25.90
CA ARG A 155 2.49 7.77 -25.53
C ARG A 155 3.48 8.92 -25.55
N HIS A 156 4.43 8.91 -24.61
CA HIS A 156 5.48 9.93 -24.53
C HIS A 156 6.76 9.21 -24.22
N LYS A 157 7.79 9.45 -25.00
CA LYS A 157 9.05 8.78 -24.76
C LYS A 157 8.70 7.29 -24.85
N LYS A 158 9.20 6.47 -23.94
CA LYS A 158 8.89 5.05 -23.96
C LYS A 158 7.40 4.86 -23.71
N GLY A 159 6.83 5.74 -22.89
CA GLY A 159 5.41 5.66 -22.58
C GLY A 159 5.12 4.42 -21.76
N ARG A 160 5.97 4.17 -20.77
CA ARG A 160 5.79 3.02 -19.91
C ARG A 160 4.62 3.40 -19.02
N GLY A 161 4.08 4.58 -19.28
CA GLY A 161 2.94 5.02 -18.50
C GLY A 161 1.73 4.18 -18.89
N LEU A 162 1.44 4.12 -20.19
CA LEU A 162 0.30 3.36 -20.69
C LEU A 162 -0.04 2.09 -19.89
N ILE A 163 0.88 1.60 -19.07
CA ILE A 163 0.57 0.43 -18.27
C ILE A 163 -0.41 0.92 -17.20
N GLY A 164 0.12 1.63 -16.21
CA GLY A 164 -0.72 2.14 -15.15
C GLY A 164 -1.96 2.81 -15.70
N ALA A 165 -1.77 3.60 -16.76
CA ALA A 165 -2.87 4.30 -17.38
C ALA A 165 -4.09 3.41 -17.51
N LEU A 166 -4.01 2.42 -18.40
CA LEU A 166 -5.12 1.48 -18.58
C LEU A 166 -5.54 0.94 -17.21
N ALA A 167 -4.61 0.30 -16.53
CA ALA A 167 -4.86 -0.27 -15.21
C ALA A 167 -5.71 0.64 -14.33
N ALA A 168 -5.44 1.93 -14.39
CA ALA A 168 -6.19 2.88 -13.58
C ALA A 168 -7.63 2.99 -14.03
N VAL A 169 -7.88 2.82 -15.33
CA VAL A 169 -9.25 2.92 -15.80
C VAL A 169 -9.87 1.55 -15.87
N GLY A 170 -9.26 0.58 -15.20
CA GLY A 170 -9.84 -0.75 -15.26
C GLY A 170 -9.87 -1.41 -13.92
N ALA A 171 -9.26 -0.73 -12.97
CA ALA A 171 -9.18 -1.24 -11.61
C ALA A 171 -10.58 -1.38 -11.00
N GLU A 172 -10.89 -2.59 -10.52
CA GLU A 172 -12.17 -2.87 -9.88
C GLU A 172 -12.11 -2.47 -8.40
N LEU A 173 -13.18 -1.87 -7.90
CA LEU A 173 -13.20 -1.43 -6.53
C LEU A 173 -14.36 -1.97 -5.74
N GLU A 174 -14.26 -3.21 -5.29
CA GLU A 174 -15.33 -3.84 -4.50
C GLU A 174 -15.37 -3.20 -3.13
N ASP A 175 -14.17 -2.96 -2.60
CA ASP A 175 -13.97 -2.36 -1.30
C ASP A 175 -13.06 -1.18 -1.62
N PHE A 176 -13.43 0.03 -1.25
CA PHE A 176 -12.58 1.18 -1.56
C PHE A 176 -12.46 2.09 -0.36
N THR A 177 -11.67 3.16 -0.49
CA THR A 177 -11.53 4.14 0.58
C THR A 177 -11.37 5.49 -0.07
N LEU A 178 -11.36 6.54 0.74
CA LEU A 178 -11.22 7.86 0.17
C LEU A 178 -10.00 8.54 0.73
N GLU A 179 -9.52 9.57 0.04
CA GLU A 179 -8.37 10.30 0.52
C GLU A 179 -8.49 11.75 0.12
N LEU A 180 -8.52 12.61 1.13
CA LEU A 180 -8.65 14.04 0.89
C LEU A 180 -7.25 14.56 0.70
N ILE A 181 -6.95 14.99 -0.52
CA ILE A 181 -5.62 15.47 -0.85
C ILE A 181 -5.63 16.96 -1.09
N ALA A 182 -4.90 17.69 -0.25
CA ALA A 182 -4.82 19.14 -0.35
C ALA A 182 -3.52 19.56 -1.00
N TYR A 183 -3.55 20.66 -1.76
CA TYR A 183 -2.37 21.17 -2.43
C TYR A 183 -2.09 22.62 -2.03
N ARG A 184 -0.81 23.00 -1.98
CA ARG A 184 -0.41 24.36 -1.60
C ARG A 184 -0.45 25.28 -2.81
N TYR A 185 -0.04 26.52 -2.61
CA TYR A 185 0.00 27.46 -3.72
C TYR A 185 1.33 27.27 -4.45
N PRO A 186 1.35 27.51 -5.77
CA PRO A 186 2.58 27.35 -6.55
C PRO A 186 3.79 28.09 -5.97
N GLU A 187 3.53 29.28 -5.43
CA GLU A 187 4.61 30.09 -4.86
C GLU A 187 5.14 29.43 -3.56
N ARG A 188 4.28 28.70 -2.86
CA ARG A 188 4.68 28.03 -1.63
C ARG A 188 5.26 26.63 -1.92
N PHE A 189 5.78 26.46 -3.14
CA PHE A 189 6.40 25.19 -3.57
C PHE A 189 7.87 25.19 -3.15
N GLY A 190 8.28 24.15 -2.44
CA GLY A 190 9.67 24.06 -2.01
C GLY A 190 9.82 24.33 -0.53
N THR A 191 9.03 25.28 -0.01
CA THR A 191 9.10 25.60 1.41
C THR A 191 8.71 24.40 2.25
N GLU A 192 9.22 24.36 3.47
CA GLU A 192 8.90 23.29 4.39
C GLU A 192 7.46 23.53 4.79
N ARG A 193 6.64 22.48 4.78
CA ARG A 193 5.24 22.58 5.12
C ARG A 193 4.98 22.89 6.59
N GLU A 194 4.21 23.94 6.84
CA GLU A 194 3.88 24.33 8.21
C GLU A 194 2.45 23.87 8.51
N TYR A 195 2.20 23.54 9.76
CA TYR A 195 0.88 23.08 10.17
C TYR A 195 0.92 22.87 11.65
N ASP A 196 -0.21 23.14 12.30
CA ASP A 196 -0.31 22.99 13.73
C ASP A 196 -0.45 21.50 14.04
N GLU A 197 0.57 20.74 13.65
CA GLU A 197 0.63 19.30 13.88
C GLU A 197 -0.53 18.87 14.74
N GLU A 198 -0.35 19.06 16.04
CA GLU A 198 -1.32 18.70 17.05
C GLU A 198 -2.77 18.65 16.59
N SER A 199 -3.13 19.47 15.60
CA SER A 199 -4.49 19.50 15.06
C SER A 199 -4.91 18.22 14.33
N PHE A 200 -3.94 17.35 14.02
CA PHE A 200 -4.22 16.09 13.35
C PHE A 200 -4.50 15.02 14.40
N PHE A 201 -3.96 15.23 15.60
CA PHE A 201 -4.20 14.28 16.68
C PHE A 201 -5.57 14.53 17.34
N ASP A 202 -5.99 15.79 17.37
CA ASP A 202 -7.30 16.11 17.93
C ASP A 202 -8.22 15.46 16.91
N MET A 203 -7.71 15.49 15.68
CA MET A 203 -8.35 14.96 14.49
C MET A 203 -8.56 13.46 14.70
N ASP A 204 -7.47 12.72 14.65
CA ASP A 204 -7.54 11.26 14.81
C ASP A 204 -8.33 10.96 16.06
N TYR A 205 -8.18 11.81 17.07
CA TYR A 205 -8.86 11.58 18.33
C TYR A 205 -10.36 11.34 18.21
N GLU A 206 -11.08 12.23 17.52
CA GLU A 206 -12.54 12.09 17.42
C GLU A 206 -13.24 11.45 16.22
N LEU A 207 -12.53 11.22 15.12
CA LEU A 207 -13.16 10.59 13.98
C LEU A 207 -12.78 9.11 13.94
N TYR A 208 -11.52 8.77 14.24
CA TYR A 208 -11.06 7.37 14.24
C TYR A 208 -12.10 6.37 14.74
N PRO A 209 -12.21 5.21 14.08
CA PRO A 209 -11.43 4.80 12.91
C PRO A 209 -11.76 5.62 11.65
N GLN A 210 -13.02 6.03 11.54
CA GLN A 210 -13.50 6.82 10.41
C GLN A 210 -12.36 7.31 9.55
N THR A 211 -11.70 8.37 9.98
CA THR A 211 -10.56 8.80 9.21
C THR A 211 -9.51 7.99 9.96
N PHE A 212 -8.54 7.38 9.26
CA PHE A 212 -7.53 6.59 9.94
C PHE A 212 -6.16 6.66 9.30
N ASP A 213 -5.26 5.80 9.76
CA ASP A 213 -3.89 5.73 9.25
C ASP A 213 -3.33 7.08 8.87
N ASN A 214 -3.66 8.11 9.67
CA ASN A 214 -3.16 9.46 9.40
C ASN A 214 -2.05 9.85 10.37
N VAL A 215 -2.07 9.23 11.55
CA VAL A 215 -1.06 9.46 12.57
C VAL A 215 -0.74 8.20 13.35
N ASP A 216 0.39 8.25 14.07
CA ASP A 216 0.87 7.15 14.89
C ASP A 216 0.99 7.62 16.35
N TRP A 217 0.01 7.26 17.16
CA TRP A 217 0.03 7.66 18.56
C TRP A 217 1.17 7.06 19.34
N CYS A 218 1.80 6.04 18.78
CA CYS A 218 2.93 5.38 19.43
C CYS A 218 4.23 6.02 18.95
N ASN A 219 4.66 5.70 17.74
CA ASN A 219 5.89 6.26 17.21
C ASN A 219 5.87 7.77 17.07
N ASP A 220 4.82 8.41 17.56
CA ASP A 220 4.67 9.88 17.48
C ASP A 220 5.05 10.52 16.13
N VAL A 221 4.20 10.32 15.12
CA VAL A 221 4.43 10.85 13.78
C VAL A 221 3.10 11.19 13.11
N VAL A 222 3.12 12.23 12.27
CA VAL A 222 1.96 12.66 11.49
C VAL A 222 2.28 12.16 10.09
N VAL A 223 1.91 10.91 9.83
CA VAL A 223 2.18 10.21 8.58
C VAL A 223 1.55 10.68 7.27
N CYS A 224 0.58 11.59 7.36
CA CYS A 224 -0.08 12.04 6.14
C CYS A 224 0.39 13.36 5.57
N ILE A 225 1.52 13.84 6.04
CA ILE A 225 1.99 15.11 5.54
C ILE A 225 3.36 14.92 4.94
N PRO A 226 3.40 14.53 3.66
CA PRO A 226 4.64 14.29 2.92
C PRO A 226 5.71 15.38 3.05
N ASN A 227 6.92 15.02 2.67
CA ASN A 227 8.06 15.93 2.75
C ASN A 227 8.74 15.96 1.37
N THR A 228 7.91 16.05 0.32
CA THR A 228 8.38 16.04 -1.06
C THR A 228 8.21 17.31 -1.90
N PRO A 229 8.63 17.24 -3.18
CA PRO A 229 8.50 18.41 -4.07
C PRO A 229 7.07 18.61 -4.50
N CYS A 230 6.33 17.50 -4.58
CA CYS A 230 4.92 17.50 -4.98
C CYS A 230 4.13 18.56 -4.22
N PRO A 231 3.19 19.21 -4.90
CA PRO A 231 2.35 20.26 -4.30
C PRO A 231 1.51 19.75 -3.14
N VAL A 232 1.44 18.43 -3.01
CA VAL A 232 0.62 17.85 -1.96
C VAL A 232 0.84 18.43 -0.57
N LEU A 233 -0.11 19.22 -0.07
CA LEU A 233 0.05 19.73 1.30
C LEU A 233 -0.15 18.51 2.18
N TYR A 234 -1.40 18.23 2.56
CA TYR A 234 -1.64 17.05 3.38
C TYR A 234 -2.36 15.99 2.57
N GLY A 235 -2.68 14.85 3.20
CA GLY A 235 -3.38 13.76 2.52
C GLY A 235 -4.07 12.84 3.52
N ILE A 236 -5.35 13.12 3.80
CA ILE A 236 -6.15 12.36 4.78
C ILE A 236 -7.07 11.24 4.29
N ARG A 237 -6.82 10.03 4.78
CA ARG A 237 -7.61 8.87 4.41
C ARG A 237 -8.70 8.62 5.43
N GLY A 238 -9.78 8.01 4.96
CA GLY A 238 -10.92 7.73 5.81
C GLY A 238 -11.89 6.86 5.05
N GLU A 239 -13.05 6.57 5.63
CA GLU A 239 -14.02 5.74 4.95
C GLU A 239 -15.31 6.44 4.56
N SER A 240 -15.29 7.75 4.46
CA SER A 240 -16.53 8.45 4.11
C SER A 240 -16.36 9.93 3.83
N VAL A 241 -17.27 10.49 3.04
CA VAL A 241 -17.13 11.90 2.73
C VAL A 241 -17.40 12.65 3.99
N GLU A 242 -18.28 12.07 4.82
CA GLU A 242 -18.63 12.69 6.10
C GLU A 242 -17.41 12.98 6.96
N ALA A 243 -16.61 11.94 7.19
CA ALA A 243 -15.38 12.05 7.98
C ALA A 243 -14.40 13.00 7.34
N LEU A 244 -14.08 12.76 6.08
CA LEU A 244 -13.17 13.64 5.40
C LEU A 244 -13.60 15.10 5.47
N TYR A 245 -14.91 15.35 5.35
CA TYR A 245 -15.38 16.72 5.41
C TYR A 245 -15.06 17.29 6.79
N LYS A 246 -15.54 16.64 7.84
CA LYS A 246 -15.30 17.14 9.18
C LYS A 246 -13.82 17.36 9.42
N ALA A 247 -13.02 16.38 9.01
CA ALA A 247 -11.58 16.43 9.18
C ALA A 247 -10.91 17.65 8.56
N MET A 248 -11.24 17.92 7.32
CA MET A 248 -10.65 19.04 6.61
C MET A 248 -10.88 20.38 7.30
N GLU A 249 -12.03 20.52 7.93
CA GLU A 249 -12.38 21.75 8.63
C GLU A 249 -11.65 21.79 9.99
N SER A 250 -11.70 20.66 10.70
CA SER A 250 -11.11 20.50 12.02
C SER A 250 -9.59 20.59 12.14
N VAL A 251 -8.88 20.86 11.06
CA VAL A 251 -7.44 20.87 11.20
C VAL A 251 -6.74 22.18 10.83
N LYS A 252 -5.76 22.57 11.62
CA LYS A 252 -5.02 23.80 11.33
C LYS A 252 -3.88 23.51 10.35
N THR A 253 -3.71 24.40 9.38
CA THR A 253 -2.71 24.21 8.34
C THR A 253 -2.40 25.45 7.53
N GLU A 254 -1.35 25.37 6.72
CA GLU A 254 -1.02 26.48 5.87
C GLU A 254 -2.09 26.58 4.78
N PRO A 255 -2.34 27.80 4.27
CA PRO A 255 -3.35 28.01 3.23
C PRO A 255 -3.51 26.89 2.21
N VAL A 256 -4.76 26.46 2.01
CA VAL A 256 -5.08 25.41 1.04
C VAL A 256 -5.54 26.05 -0.29
N ASP A 257 -4.76 25.77 -1.33
CA ASP A 257 -5.04 26.23 -2.69
C ASP A 257 -6.09 25.23 -3.19
N ARG A 258 -5.65 24.20 -3.90
CA ARG A 258 -6.57 23.20 -4.41
C ARG A 258 -6.84 22.08 -3.39
N ARG A 259 -7.86 21.29 -3.67
CA ARG A 259 -8.24 20.17 -2.82
C ARG A 259 -9.20 19.26 -3.56
N MET A 260 -8.95 17.97 -3.46
CA MET A 260 -9.75 16.97 -4.15
C MET A 260 -9.80 15.66 -3.38
N ILE A 261 -10.90 14.93 -3.55
CA ILE A 261 -11.08 13.68 -2.86
C ILE A 261 -10.93 12.60 -3.88
N PHE A 262 -10.16 11.58 -3.54
CA PHE A 262 -9.92 10.47 -4.44
C PHE A 262 -10.42 9.15 -3.88
N VAL A 263 -11.06 8.39 -4.75
CA VAL A 263 -11.54 7.07 -4.38
C VAL A 263 -10.32 6.23 -4.70
N THR A 264 -9.97 5.32 -3.80
CA THR A 264 -8.80 4.49 -4.02
C THR A 264 -8.95 3.11 -3.44
N ASN A 265 -8.00 2.25 -3.80
CA ASN A 265 -7.98 0.90 -3.29
C ASN A 265 -7.07 0.89 -2.07
N HIS A 266 -6.74 2.09 -1.58
CA HIS A 266 -5.90 2.30 -0.40
C HIS A 266 -6.38 1.53 0.81
N ALA A 267 -5.57 0.62 1.31
CA ALA A 267 -5.94 -0.18 2.47
C ALA A 267 -6.93 -1.26 2.12
N THR A 268 -6.67 -2.00 1.04
CA THR A 268 -7.58 -3.06 0.61
C THR A 268 -6.98 -4.47 0.45
N ASP A 269 -5.64 -4.55 0.51
CA ASP A 269 -4.90 -5.81 0.34
C ASP A 269 -5.15 -6.33 -1.07
N MET A 270 -5.42 -5.41 -1.99
CA MET A 270 -5.74 -5.76 -3.36
C MET A 270 -4.54 -6.18 -4.19
N HIS A 271 -3.48 -6.61 -3.52
CA HIS A 271 -2.25 -7.02 -4.21
C HIS A 271 -1.77 -8.38 -3.72
N LEU A 272 -2.25 -8.77 -2.54
CA LEU A 272 -1.86 -10.05 -1.98
C LEU A 272 -2.46 -11.15 -2.82
N ILE A 273 -1.74 -12.26 -2.87
CA ILE A 273 -2.15 -13.44 -3.61
C ILE A 273 -2.39 -14.50 -2.55
N GLY A 274 -3.45 -15.30 -2.72
CA GLY A 274 -3.73 -16.35 -1.75
C GLY A 274 -2.89 -17.57 -2.09
N GLU A 275 -2.27 -18.20 -1.09
CA GLU A 275 -1.43 -19.37 -1.37
C GLU A 275 -2.22 -20.47 -2.06
N GLU A 276 -3.53 -20.41 -1.91
CA GLU A 276 -4.41 -21.38 -2.53
C GLU A 276 -4.69 -21.03 -3.99
N GLU A 277 -3.72 -20.48 -4.70
CA GLU A 277 -3.98 -20.17 -6.09
C GLU A 277 -2.75 -19.96 -6.94
N VAL A 278 -1.63 -20.53 -6.52
CA VAL A 278 -0.42 -20.49 -7.32
C VAL A 278 0.51 -21.61 -6.85
N HIS A 279 1.31 -22.12 -7.76
CA HIS A 279 2.22 -23.20 -7.44
C HIS A 279 3.53 -22.68 -6.88
N ARG A 280 4.25 -21.87 -7.63
CA ARG A 280 5.50 -21.32 -7.10
C ARG A 280 5.21 -19.98 -6.43
N LEU A 281 6.24 -19.38 -5.87
CA LEU A 281 6.13 -18.08 -5.23
C LEU A 281 7.25 -17.33 -5.91
N GLU A 282 6.91 -16.54 -6.92
CA GLU A 282 7.90 -15.79 -7.66
C GLU A 282 8.22 -14.50 -6.90
N ASN A 283 9.33 -13.86 -7.25
CA ASN A 283 9.70 -12.61 -6.61
C ASN A 283 8.97 -11.48 -7.32
N TYR A 284 8.60 -10.46 -6.57
CA TYR A 284 7.92 -9.29 -7.14
C TYR A 284 6.42 -9.40 -7.13
N ARG A 285 5.88 -10.14 -6.16
CA ARG A 285 4.43 -10.29 -6.02
C ARG A 285 4.09 -10.44 -4.52
N SER A 286 2.82 -10.23 -4.16
CA SER A 286 2.44 -10.30 -2.76
C SER A 286 1.51 -11.48 -2.41
N TYR A 287 1.70 -12.08 -1.24
CA TYR A 287 0.90 -13.24 -0.83
C TYR A 287 0.35 -13.26 0.60
N ARG A 288 -0.24 -14.39 0.95
CA ARG A 288 -0.77 -14.68 2.28
C ARG A 288 -0.59 -16.17 2.50
N LEU A 289 0.49 -16.54 3.18
CA LEU A 289 0.78 -17.94 3.45
C LEU A 289 0.63 -18.34 4.89
N ARG A 290 0.39 -19.63 5.10
CA ARG A 290 0.30 -20.19 6.45
C ARG A 290 1.59 -20.99 6.58
N GLY A 291 2.05 -21.18 7.82
CA GLY A 291 3.28 -21.92 8.01
C GLY A 291 3.69 -22.17 9.46
N ARG A 292 4.61 -23.11 9.62
CA ARG A 292 5.12 -23.45 10.95
C ARG A 292 6.53 -22.88 11.03
N VAL A 293 6.87 -22.36 12.21
CA VAL A 293 8.18 -21.77 12.43
C VAL A 293 9.22 -22.88 12.45
N THR A 294 10.27 -22.72 11.66
CA THR A 294 11.32 -23.72 11.60
C THR A 294 12.58 -23.15 12.23
N LEU A 295 13.01 -22.00 11.72
CA LEU A 295 14.19 -21.33 12.24
C LEU A 295 13.71 -20.15 13.08
N GLU A 296 14.12 -20.11 14.34
CA GLU A 296 13.73 -19.07 15.30
C GLU A 296 14.07 -17.63 14.86
N PRO A 297 13.43 -16.63 15.48
CA PRO A 297 13.68 -15.23 15.12
C PRO A 297 15.12 -14.85 15.44
N TYR A 298 15.65 -13.89 14.70
CA TYR A 298 17.01 -13.43 14.93
C TYR A 298 17.26 -12.03 14.33
N ASP A 299 18.35 -11.38 14.75
CA ASP A 299 18.64 -10.03 14.30
C ASP A 299 19.86 -9.95 13.44
N ILE A 300 20.20 -8.72 13.08
CA ILE A 300 21.38 -8.38 12.31
C ILE A 300 21.52 -6.87 12.56
N GLU A 301 22.73 -6.36 12.45
CA GLU A 301 22.97 -4.93 12.67
C GLU A 301 21.90 -4.12 11.94
N GLY A 302 21.11 -3.36 12.69
CA GLY A 302 20.07 -2.56 12.08
C GLY A 302 18.70 -2.77 12.68
N GLY A 303 18.55 -3.82 13.49
CA GLY A 303 17.26 -4.09 14.11
C GLY A 303 16.44 -5.02 13.25
N HIS A 304 17.00 -5.39 12.10
CA HIS A 304 16.35 -6.28 11.14
C HIS A 304 16.21 -7.72 11.60
N VAL A 305 14.98 -8.15 11.81
CA VAL A 305 14.67 -9.51 12.26
C VAL A 305 14.33 -10.48 11.11
N PHE A 306 14.61 -11.76 11.28
CA PHE A 306 14.32 -12.77 10.26
C PHE A 306 13.91 -14.10 10.88
N PHE A 307 13.05 -14.85 10.19
CA PHE A 307 12.65 -16.16 10.67
C PHE A 307 12.07 -17.00 9.53
N GLU A 308 12.51 -18.26 9.42
CA GLU A 308 12.04 -19.15 8.35
C GLU A 308 10.85 -19.99 8.76
N ILE A 309 9.79 -19.95 7.96
CA ILE A 309 8.63 -20.79 8.25
C ILE A 309 8.41 -21.85 7.17
N ASP A 310 7.96 -23.02 7.59
CA ASP A 310 7.71 -24.16 6.71
C ASP A 310 6.35 -24.01 6.04
N THR A 311 6.29 -24.28 4.74
CA THR A 311 5.02 -24.14 4.00
C THR A 311 4.80 -25.06 2.83
N LYS A 312 3.55 -25.03 2.35
CA LYS A 312 3.11 -25.81 1.20
C LYS A 312 4.15 -25.78 0.06
N PHE A 313 4.81 -24.63 -0.09
CA PHE A 313 5.78 -24.48 -1.14
C PHE A 313 7.10 -25.03 -0.65
N GLY A 314 7.36 -24.85 0.65
CA GLY A 314 8.61 -25.35 1.22
C GLY A 314 9.23 -24.39 2.21
N SER A 315 10.51 -24.13 2.03
CA SER A 315 11.28 -23.24 2.90
C SER A 315 11.10 -21.74 2.57
N VAL A 316 10.32 -21.04 3.36
CA VAL A 316 10.14 -19.63 3.10
C VAL A 316 10.47 -18.78 4.32
N LYS A 317 11.43 -17.87 4.10
CA LYS A 317 11.95 -16.94 5.12
C LYS A 317 11.20 -15.60 5.16
N CYS A 318 11.06 -15.07 6.37
CA CYS A 318 10.32 -13.82 6.58
C CYS A 318 11.14 -12.68 7.22
N ALA A 319 11.02 -11.47 6.65
CA ALA A 319 11.73 -10.30 7.16
C ALA A 319 10.78 -9.39 7.94
N ALA A 320 11.25 -8.91 9.09
CA ALA A 320 10.50 -8.01 9.95
C ALA A 320 11.42 -6.83 10.23
N PHE A 321 11.75 -6.11 9.15
CA PHE A 321 12.64 -4.95 9.14
C PHE A 321 12.43 -3.90 10.23
N GLU A 322 13.41 -3.01 10.35
CA GLU A 322 13.37 -1.97 11.38
C GLU A 322 12.27 -0.89 11.27
N PRO A 323 12.03 -0.36 10.06
CA PRO A 323 10.99 0.67 9.97
C PRO A 323 9.71 0.09 10.52
N THR A 324 9.68 -1.24 10.61
CA THR A 324 8.52 -1.94 11.10
C THR A 324 8.31 -1.63 12.57
N LYS A 325 9.36 -1.14 13.21
CA LYS A 325 9.32 -0.75 14.61
C LYS A 325 8.69 -1.74 15.58
N GLN A 326 7.85 -1.18 16.46
CA GLN A 326 7.13 -1.88 17.52
C GLN A 326 6.64 -3.29 17.19
N PHE A 327 6.66 -3.62 15.90
CA PHE A 327 6.22 -4.92 15.38
C PHE A 327 7.23 -5.99 15.80
N ARG A 328 8.51 -5.69 15.61
CA ARG A 328 9.58 -6.62 15.94
C ARG A 328 9.46 -7.25 17.32
N ASN A 329 9.08 -6.43 18.30
CA ASN A 329 8.91 -6.88 19.69
C ASN A 329 7.87 -8.01 19.72
N VAL A 330 7.01 -8.07 18.72
CA VAL A 330 6.01 -9.12 18.66
C VAL A 330 6.61 -10.27 17.85
N ILE A 331 7.26 -9.96 16.75
CA ILE A 331 7.87 -10.99 15.89
C ILE A 331 8.88 -11.89 16.59
N ARG A 332 9.70 -11.31 17.45
CA ARG A 332 10.72 -12.07 18.19
C ARG A 332 10.20 -13.14 19.16
N LEU A 333 8.91 -13.08 19.47
CA LEU A 333 8.33 -14.04 20.38
C LEU A 333 7.94 -15.37 19.75
N LEU A 334 8.01 -15.44 18.42
CA LEU A 334 7.67 -16.67 17.70
C LEU A 334 8.62 -17.83 17.94
N ARG A 335 8.06 -18.96 18.35
CA ARG A 335 8.85 -20.15 18.62
C ARG A 335 8.67 -21.26 17.60
N LYS A 336 9.74 -22.03 17.41
CA LYS A 336 9.74 -23.15 16.48
C LYS A 336 8.42 -23.87 16.71
N GLY A 337 7.72 -24.19 15.62
CA GLY A 337 6.47 -24.91 15.74
C GLY A 337 5.20 -24.12 15.54
N ASP A 338 5.19 -22.86 15.97
CA ASP A 338 3.99 -22.03 15.85
C ASP A 338 3.39 -22.01 14.47
N VAL A 339 2.07 -22.04 14.40
CA VAL A 339 1.39 -22.01 13.11
C VAL A 339 1.00 -20.58 12.95
N VAL A 340 1.45 -19.96 11.86
CA VAL A 340 1.16 -18.55 11.61
C VAL A 340 0.81 -18.27 10.16
N GLU A 341 0.20 -17.10 9.94
CA GLU A 341 -0.17 -16.65 8.61
C GLU A 341 0.61 -15.37 8.34
N VAL A 342 1.41 -15.39 7.28
CA VAL A 342 2.22 -14.23 6.90
C VAL A 342 1.61 -13.44 5.74
N TYR A 343 1.53 -12.13 5.88
CA TYR A 343 1.00 -11.27 4.82
C TYR A 343 2.09 -10.33 4.30
N GLY A 344 2.49 -10.49 3.05
CA GLY A 344 3.52 -9.63 2.52
C GLY A 344 3.98 -9.87 1.09
N SER A 345 5.01 -9.13 0.69
CA SER A 345 5.56 -9.22 -0.65
C SER A 345 6.81 -10.07 -0.65
N MET A 346 7.11 -10.66 -1.81
CA MET A 346 8.26 -11.53 -1.96
C MET A 346 9.41 -10.95 -2.79
N LYS A 347 10.45 -10.52 -2.12
CA LYS A 347 11.64 -9.98 -2.78
C LYS A 347 12.84 -10.61 -2.08
N LYS A 348 13.89 -10.89 -2.85
CA LYS A 348 15.08 -11.50 -2.25
C LYS A 348 14.66 -12.84 -1.63
N ASP A 349 13.54 -13.37 -2.15
CA ASP A 349 12.95 -14.64 -1.73
C ASP A 349 12.27 -14.55 -0.40
N THR A 350 12.36 -13.39 0.23
CA THR A 350 11.73 -13.23 1.54
C THR A 350 10.36 -12.53 1.49
N ILE A 351 9.54 -12.85 2.49
CA ILE A 351 8.21 -12.29 2.60
C ILE A 351 8.26 -11.20 3.64
N ASN A 352 8.13 -9.96 3.18
CA ASN A 352 8.18 -8.82 4.05
C ASN A 352 6.88 -8.55 4.80
N LEU A 353 6.87 -8.98 6.05
CA LEU A 353 5.68 -8.81 6.89
C LEU A 353 4.95 -7.48 6.80
N GLU A 354 3.67 -7.54 6.49
CA GLU A 354 2.86 -6.34 6.46
C GLU A 354 1.99 -6.62 7.69
N LYS A 355 1.76 -7.89 7.95
CA LYS A 355 1.02 -8.31 9.14
C LYS A 355 1.18 -9.82 9.29
N ILE A 356 0.88 -10.34 10.48
CA ILE A 356 1.04 -11.76 10.75
C ILE A 356 -0.03 -12.32 11.67
N GLN A 357 -0.49 -13.53 11.38
CA GLN A 357 -1.50 -14.16 12.21
C GLN A 357 -0.91 -15.31 12.99
N ILE A 358 -1.16 -15.28 14.30
CA ILE A 358 -0.69 -16.31 15.23
C ILE A 358 -1.85 -17.32 15.34
N VAL A 359 -1.77 -18.39 14.54
CA VAL A 359 -2.82 -19.42 14.49
C VAL A 359 -2.91 -20.23 15.78
N GLU A 360 -1.97 -21.12 16.01
CA GLU A 360 -1.97 -21.86 17.26
C GLU A 360 -0.61 -21.58 17.88
N LEU A 361 -0.53 -21.67 19.21
CA LEU A 361 0.75 -21.43 19.86
C LEU A 361 1.40 -22.72 20.37
N ALA A 362 2.56 -23.03 19.82
CA ALA A 362 3.31 -24.22 20.17
C ALA A 362 3.89 -24.07 21.57
N GLU A 363 3.76 -25.11 22.38
CA GLU A 363 4.29 -25.07 23.75
C GLU A 363 5.74 -25.54 23.75
N ILE A 364 6.56 -24.91 24.61
CA ILE A 364 7.97 -25.26 24.69
C ILE A 364 8.51 -25.34 26.13
N TRP A 365 9.11 -26.49 26.42
CA TRP A 365 9.66 -26.84 27.73
C TRP A 365 11.19 -26.73 27.79
N VAL A 366 11.73 -26.80 28.99
CA VAL A 366 13.18 -26.71 29.15
C VAL A 366 13.76 -27.71 30.16
N GLU A 367 14.84 -28.38 29.75
CA GLU A 367 15.53 -29.37 30.58
C GLU A 367 16.58 -28.77 31.52
N LYS A 368 16.68 -29.35 32.72
CA LYS A 368 17.62 -28.89 33.76
C LYS A 368 18.11 -30.06 34.64
N ASN A 369 19.39 -30.07 34.99
CA ASN A 369 19.93 -31.13 35.85
C ASN A 369 19.39 -30.93 37.27
N PRO A 370 18.92 -31.99 37.92
CA PRO A 370 18.40 -31.80 39.27
C PRO A 370 19.54 -31.51 40.27
N ILE A 371 19.16 -31.31 41.54
CA ILE A 371 20.13 -31.06 42.60
C ILE A 371 19.70 -31.76 43.88
N CYS A 372 20.62 -31.88 44.83
CA CYS A 372 20.35 -32.51 46.12
C CYS A 372 19.48 -31.55 46.96
N PRO A 373 20.09 -30.63 47.75
CA PRO A 373 21.50 -30.28 48.02
C PRO A 373 21.91 -30.60 49.47
N GLU A 380 23.86 -33.09 38.71
CA GLU A 380 24.77 -33.00 37.56
C GLU A 380 24.90 -34.37 36.89
N SER A 381 25.52 -34.40 35.71
CA SER A 381 25.67 -35.63 34.92
C SER A 381 26.91 -36.47 35.14
N ALA A 382 26.69 -37.78 35.31
CA ALA A 382 27.79 -38.72 35.52
C ALA A 382 27.76 -39.90 34.56
N GLY A 383 27.98 -39.62 33.28
CA GLY A 383 28.00 -40.67 32.26
C GLY A 383 26.87 -40.76 31.25
N ARG A 384 27.14 -41.42 30.13
CA ARG A 384 26.16 -41.60 29.07
C ARG A 384 25.26 -42.80 29.41
N GLY A 385 24.27 -42.58 30.26
CA GLY A 385 23.38 -43.67 30.64
C GLY A 385 23.45 -43.81 32.15
N GLN A 386 24.48 -43.22 32.73
CA GLN A 386 24.64 -43.26 34.18
C GLN A 386 24.06 -41.97 34.75
N GLY A 387 22.72 -41.97 34.93
CA GLY A 387 21.98 -40.83 35.46
C GLY A 387 22.71 -39.63 36.05
N PHE A 388 22.34 -39.26 37.28
CA PHE A 388 22.98 -38.11 37.93
C PHE A 388 23.20 -38.35 39.42
N ALA A 397 19.74 -38.62 40.48
CA ALA A 397 18.44 -38.99 39.92
C ALA A 397 18.61 -39.54 38.52
N ASP A 398 17.51 -39.92 37.88
CA ASP A 398 17.57 -40.46 36.52
C ASP A 398 17.15 -39.50 35.41
N GLU A 399 16.03 -38.80 35.61
CA GLU A 399 15.53 -37.86 34.62
C GLU A 399 16.11 -36.44 34.75
N LYS A 400 15.84 -35.61 33.74
CA LYS A 400 16.29 -34.22 33.74
C LYS A 400 15.03 -33.38 33.98
N LEU A 401 15.18 -32.21 34.60
CA LEU A 401 14.03 -31.35 34.92
C LEU A 401 13.33 -30.63 33.77
N ARG A 402 12.27 -31.28 33.27
CA ARG A 402 11.46 -30.76 32.17
C ARG A 402 10.31 -29.90 32.72
N GLU A 403 10.28 -28.63 32.31
CA GLU A 403 9.23 -27.68 32.73
C GLU A 403 8.65 -26.94 31.52
N LYS A 404 7.33 -26.72 31.54
CA LYS A 404 6.63 -26.02 30.45
C LYS A 404 6.62 -24.52 30.67
N VAL A 405 7.55 -23.82 30.03
CA VAL A 405 7.64 -22.36 30.17
C VAL A 405 6.53 -21.68 29.40
N GLU A 406 5.71 -20.90 30.11
CA GLU A 406 4.61 -20.20 29.47
C GLU A 406 5.14 -19.13 28.54
N ARG A 407 4.50 -18.99 27.39
CA ARG A 407 4.89 -17.98 26.41
C ARG A 407 4.05 -16.74 26.67
N GLU A 408 4.47 -15.62 26.10
CA GLU A 408 3.69 -14.40 26.24
C GLU A 408 2.96 -14.12 24.93
N LEU A 409 3.69 -14.13 23.81
CA LEU A 409 3.10 -13.90 22.50
C LEU A 409 1.76 -14.59 22.49
N GLN A 410 0.78 -13.99 21.86
CA GLN A 410 -0.53 -14.63 21.82
C GLN A 410 -1.14 -14.63 20.44
N PRO A 411 -2.08 -15.57 20.23
CA PRO A 411 -2.77 -15.70 18.95
C PRO A 411 -3.50 -14.44 18.54
N GLY A 412 -3.66 -14.27 17.23
CA GLY A 412 -4.36 -13.10 16.72
C GLY A 412 -3.64 -12.43 15.57
N PHE A 413 -4.20 -11.32 15.10
CA PHE A 413 -3.64 -10.54 14.01
C PHE A 413 -2.87 -9.36 14.58
N TYR A 414 -1.60 -9.30 14.22
CA TYR A 414 -0.72 -8.23 14.65
C TYR A 414 -0.36 -7.55 13.33
N GLU A 415 -0.22 -6.23 13.35
CA GLU A 415 0.10 -5.52 12.13
C GLU A 415 1.23 -4.58 12.44
N VAL A 416 1.65 -3.82 11.44
CA VAL A 416 2.73 -2.88 11.63
C VAL A 416 2.10 -1.52 11.89
N PRO A 417 2.70 -0.73 12.81
CA PRO A 417 2.22 0.60 13.19
C PRO A 417 2.27 1.56 12.01
N PRO A 418 1.23 2.38 11.87
CA PRO A 418 1.01 3.40 10.84
C PRO A 418 2.22 4.00 10.12
N SER A 419 3.22 4.45 10.86
CA SER A 419 4.38 5.03 10.19
C SER A 419 4.99 4.07 9.18
N ALA A 420 4.83 2.77 9.47
CA ALA A 420 5.34 1.67 8.64
C ALA A 420 4.32 1.16 7.61
N ARG A 421 3.09 1.64 7.73
CA ARG A 421 2.01 1.25 6.83
C ARG A 421 2.31 1.41 5.35
N ARG A 422 1.87 0.43 4.60
CA ARG A 422 2.04 0.46 3.16
C ARG A 422 0.68 0.83 2.61
N HIS A 423 0.68 1.52 1.48
CA HIS A 423 -0.58 1.95 0.92
C HIS A 423 -1.63 0.85 0.82
N LEU A 424 -1.48 0.01 -0.19
CA LEU A 424 -2.42 -1.09 -0.39
C LEU A 424 -2.72 -1.85 0.91
N SER A 425 -1.67 -2.12 1.68
CA SER A 425 -1.78 -2.86 2.94
C SER A 425 -2.96 -2.44 3.80
N LYS A 426 -3.87 -3.40 3.99
CA LYS A 426 -5.09 -3.20 4.77
C LYS A 426 -4.84 -3.24 6.26
N PRO A 427 -5.03 -2.10 6.93
CA PRO A 427 -4.83 -2.01 8.38
C PRO A 427 -5.93 -2.83 9.04
N LEU A 428 -5.59 -3.53 10.12
CA LEU A 428 -6.55 -4.38 10.83
C LEU A 428 -7.83 -3.70 11.33
N ILE A 429 -7.74 -2.42 11.68
CA ILE A 429 -8.92 -1.74 12.17
C ILE A 429 -10.05 -1.87 11.18
N ARG A 430 -9.71 -2.29 9.96
CA ARG A 430 -10.69 -2.46 8.89
C ARG A 430 -11.18 -3.89 8.71
N MET A 431 -10.37 -4.88 9.06
CA MET A 431 -10.78 -6.27 8.91
C MET A 431 -11.74 -6.70 9.99
N ASN A 432 -12.70 -7.56 9.63
CA ASN A 432 -13.64 -8.07 10.63
C ASN A 432 -13.28 -9.50 10.97
N VAL A 433 -12.37 -9.62 11.93
CA VAL A 433 -11.91 -10.90 12.43
C VAL A 433 -11.46 -10.60 13.85
N GLU A 434 -11.33 -11.64 14.67
CA GLU A 434 -10.95 -11.48 16.07
C GLU A 434 -9.48 -11.74 16.33
N GLY A 435 -9.01 -11.24 17.46
CA GLY A 435 -7.61 -11.40 17.83
C GLY A 435 -6.82 -10.28 17.20
N ARG A 436 -7.42 -9.10 17.16
CA ARG A 436 -6.76 -7.95 16.57
C ARG A 436 -6.04 -7.11 17.60
N HIS A 437 -4.81 -6.73 17.29
CA HIS A 437 -4.04 -5.88 18.17
C HIS A 437 -3.64 -4.67 17.33
N ILE A 438 -4.46 -3.64 17.43
CA ILE A 438 -4.29 -2.40 16.68
C ILE A 438 -3.39 -1.36 17.34
N PHE A 439 -2.18 -1.24 16.81
CA PHE A 439 -1.28 -0.23 17.35
C PHE A 439 -1.72 1.07 16.69
N ARG A 440 -2.37 1.94 17.45
CA ARG A 440 -2.80 3.21 16.86
C ARG A 440 -1.59 4.16 16.78
PG APC C . 5.20 8.93 -7.58
O1G APC C . 5.68 10.34 -7.71
O2G APC C . 6.13 8.03 -6.62
O3G APC C . 3.71 8.83 -6.99
PB APC C . 4.26 6.79 -8.96
O1B APC C . 4.43 5.99 -7.72
O2B APC C . 3.09 6.74 -9.85
O3B APC C . 5.16 8.14 -8.98
PA APC C . 5.20 6.42 -11.62
O1A APC C . 5.90 7.71 -11.78
O2A APC C . 3.73 6.35 -11.84
C3A APC C . 5.48 5.87 -9.92
O5' APC C . 5.87 5.25 -12.51
C5' APC C . 5.39 3.91 -12.34
C4' APC C . 5.70 3.07 -13.58
O4' APC C . 5.45 1.70 -13.25
C3' APC C . 4.73 3.44 -14.69
O3' APC C . 5.32 3.13 -15.97
C2' APC C . 3.61 2.44 -14.44
O2' APC C . 2.86 2.26 -15.64
C1' APC C . 4.51 1.23 -14.23
N9 APC C . 3.75 0.07 -13.71
C8 APC C . 2.62 0.09 -13.01
N7 APC C . 2.23 -1.14 -12.76
C5 APC C . 3.10 -1.98 -13.31
C6 APC C . 3.22 -3.36 -13.39
N6 APC C . 2.25 -4.14 -12.91
N1 APC C . 4.27 -3.88 -14.04
C2 APC C . 5.19 -3.12 -14.58
N3 APC C . 5.12 -1.79 -14.53
C4 APC C . 4.09 -1.21 -13.90
N AG2 D . 4.28 6.16 4.58
CA AG2 D . 3.36 5.28 5.31
CB AG2 D . 2.18 6.07 5.88
CG AG2 D . 1.38 6.78 4.79
CD AG2 D . 0.17 7.52 5.38
NE AG2 D . -0.45 8.39 4.37
CZ AG2 D . -1.68 8.86 4.54
NH1 AG2 D . -2.38 8.57 5.63
NH2 AG2 D . -2.22 9.66 3.62
#